data_4PV0
#
_entry.id   4PV0
#
_cell.length_a   39.788
_cell.length_b   84.972
_cell.length_c   90.308
_cell.angle_alpha   90.00
_cell.angle_beta   90.00
_cell.angle_gamma   90.00
#
_symmetry.space_group_name_H-M   'P 21 21 21'
#
loop_
_entity.id
_entity.type
_entity.pdbx_description
1 polymer 'Tyrosine-protein kinase SYK'
2 non-polymer '4-[(3-{8-[(3,4-dimethoxyphenyl)amino]imidazo[1,2-a]pyrazin-6-yl}benzoyl)amino]benzoic acid'
3 non-polymer 'CHLORIDE ION'
4 water water
#
_entity_poly.entity_id   1
_entity_poly.type   'polypeptide(L)'
_entity_poly.pdbx_seq_one_letter_code
;VYLDRKLLTLEDKELGSGNFGTVKKGYYQMKKVVKTVAVKILKNEANDPALKDELLAEANVMQQLDNPYIVRMIGICEAE
SWMLVMEMAELGPLNKYLQQNRHVKDKNIIELVHQVSMGMKYLEESNFVHRDLAARNVLLVTQHYAKISDFGLSKALRAD
ENYYKAQTHGKWPVKWYAPECINYYKFSSKSDVWSFGVLMWEAFSYGQKPYRGMKGSEVTAMLEKGERMGCPAGCPREMY
DLMNLCWTYDVENRPGFAAVELRLRNYYYDVVNEG
;
_entity_poly.pdbx_strand_id   A
#
loop_
_chem_comp.id
_chem_comp.type
_chem_comp.name
_chem_comp.formula
CG4 non-polymer '4-[(3-{8-[(3,4-dimethoxyphenyl)amino]imidazo[1,2-a]pyrazin-6-yl}benzoyl)amino]benzoic acid' 'C28 H23 N5 O5'
CL non-polymer 'CHLORIDE ION' 'Cl -1'
#
# COMPACT_ATOMS: atom_id res chain seq x y z
N VAL A 1 -9.71 20.64 -4.41
CA VAL A 1 -10.58 19.49 -4.00
C VAL A 1 -11.60 19.22 -5.12
N TYR A 2 -12.53 20.15 -5.34
CA TYR A 2 -13.46 20.03 -6.46
C TYR A 2 -12.84 20.61 -7.73
N LEU A 3 -12.76 19.77 -8.77
CA LEU A 3 -12.06 20.11 -10.00
C LEU A 3 -13.05 20.44 -11.12
N ASP A 4 -12.54 21.14 -12.13
CA ASP A 4 -13.30 21.53 -13.32
C ASP A 4 -13.21 20.45 -14.41
N ARG A 5 -14.35 19.85 -14.73
CA ARG A 5 -14.42 18.85 -15.79
C ARG A 5 -13.85 19.36 -17.11
N LYS A 6 -14.12 20.63 -17.44
CA LYS A 6 -13.55 21.24 -18.66
C LYS A 6 -12.01 21.17 -18.73
N LEU A 7 -11.37 21.20 -17.56
CA LEU A 7 -9.90 21.05 -17.43
C LEU A 7 -9.38 19.62 -17.43
N LEU A 8 -10.25 18.62 -17.44
CA LEU A 8 -9.82 17.23 -17.45
C LEU A 8 -9.99 16.65 -18.84
N THR A 9 -8.96 15.96 -19.30
CA THR A 9 -9.03 15.22 -20.54
C THR A 9 -8.72 13.73 -20.29
N LEU A 10 -9.66 12.85 -20.62
CA LEU A 10 -9.51 11.42 -20.39
C LEU A 10 -9.26 10.64 -21.67
N GLU A 11 -8.37 9.67 -21.58
CA GLU A 11 -8.09 8.72 -22.68
C GLU A 11 -9.14 7.61 -22.67
N ASP A 12 -9.29 6.91 -23.79
CA ASP A 12 -10.32 5.86 -23.90
C ASP A 12 -9.92 4.59 -23.16
N LYS A 13 -8.68 4.16 -23.38
CA LYS A 13 -8.15 2.97 -22.74
C LYS A 13 -8.24 3.05 -21.20
N GLU A 14 -8.73 1.97 -20.59
CA GLU A 14 -8.71 1.82 -19.15
C GLU A 14 -7.39 1.18 -18.75
N LEU A 15 -6.82 1.62 -17.64
CA LEU A 15 -5.65 0.97 -17.08
C LEU A 15 -6.09 -0.25 -16.26
N GLY A 16 -7.26 -0.11 -15.61
CA GLY A 16 -7.86 -1.18 -14.82
C GLY A 16 -9.36 -1.00 -14.63
N SER A 17 -10.02 -2.04 -14.12
CA SER A 17 -11.44 -2.00 -13.80
C SER A 17 -11.67 -2.37 -12.34
N PHE A 20 -16.36 -1.93 -8.68
CA PHE A 20 -16.18 -0.58 -8.16
C PHE A 20 -16.30 0.50 -9.26
N GLY A 21 -15.65 0.26 -10.38
CA GLY A 21 -15.53 1.28 -11.42
C GLY A 21 -14.36 0.98 -12.32
N THR A 22 -13.78 2.02 -12.89
CA THR A 22 -12.58 1.90 -13.71
C THR A 22 -11.56 2.95 -13.30
N VAL A 23 -10.33 2.76 -13.77
CA VAL A 23 -9.30 3.77 -13.64
C VAL A 23 -8.76 4.00 -15.02
N LYS A 24 -8.52 5.27 -15.32
CA LYS A 24 -8.08 5.71 -16.63
C LYS A 24 -7.02 6.77 -16.45
N LYS A 25 -6.14 6.84 -17.44
CA LYS A 25 -5.16 7.90 -17.55
C LYS A 25 -5.80 9.14 -18.15
N GLY A 26 -5.41 10.30 -17.63
CA GLY A 26 -5.80 11.57 -18.23
C GLY A 26 -4.80 12.68 -17.95
N TYR A 27 -5.17 13.90 -18.33
CA TYR A 27 -4.35 15.08 -18.09
C TYR A 27 -5.24 16.15 -17.51
N TYR A 28 -4.72 16.89 -16.54
CA TYR A 28 -5.44 17.97 -15.92
C TYR A 28 -4.67 19.28 -16.12
N GLN A 29 -5.36 20.28 -16.68
CA GLN A 29 -4.74 21.57 -17.00
C GLN A 29 -4.58 22.45 -15.77
N MET A 30 -3.33 22.81 -15.52
CA MET A 30 -2.98 24.00 -14.75
C MET A 30 -2.84 25.14 -15.79
N LYS A 31 -2.48 26.33 -15.31
CA LYS A 31 -2.44 27.55 -16.13
C LYS A 31 -1.35 27.53 -17.20
N LYS A 32 -0.29 26.75 -16.97
CA LYS A 32 0.92 26.81 -17.81
C LYS A 32 1.51 25.43 -18.13
N VAL A 33 0.97 24.40 -17.49
CA VAL A 33 1.41 23.02 -17.67
C VAL A 33 0.19 22.12 -17.62
N VAL A 34 0.35 20.89 -18.07
CA VAL A 34 -0.63 19.89 -17.76
C VAL A 34 0.01 18.84 -16.88
N LYS A 35 -0.81 18.31 -15.99
CA LYS A 35 -0.39 17.26 -15.09
C LYS A 35 -0.99 15.94 -15.59
N THR A 36 -0.16 14.93 -15.73
CA THR A 36 -0.63 13.59 -16.07
C THR A 36 -1.29 12.98 -14.85
N VAL A 37 -2.50 12.44 -15.01
CA VAL A 37 -3.24 11.91 -13.88
C VAL A 37 -3.77 10.48 -14.07
N ALA A 38 -4.00 9.83 -12.93
CA ALA A 38 -4.75 8.61 -12.87
C ALA A 38 -6.11 9.02 -12.25
N VAL A 39 -7.20 8.56 -12.88
CA VAL A 39 -8.51 8.98 -12.46
C VAL A 39 -9.31 7.74 -12.16
N LYS A 40 -9.71 7.61 -10.91
CA LYS A 40 -10.58 6.52 -10.49
C LYS A 40 -12.01 6.97 -10.74
N ILE A 41 -12.78 6.17 -11.48
CA ILE A 41 -14.12 6.55 -11.96
C ILE A 41 -15.21 5.54 -11.56
N LEU A 42 -16.16 5.99 -10.75
CA LEU A 42 -17.24 5.12 -10.26
C LEU A 42 -18.25 4.78 -11.35
N LYS A 43 -19.05 3.75 -11.11
CA LYS A 43 -20.07 3.33 -12.08
C LYS A 43 -21.23 4.33 -12.23
N PRO A 49 -24.79 5.02 -3.81
CA PRO A 49 -24.42 5.82 -2.64
C PRO A 49 -23.16 5.29 -1.95
N ALA A 50 -23.16 4.01 -1.58
CA ALA A 50 -22.02 3.40 -0.90
C ALA A 50 -20.68 3.75 -1.56
N LEU A 51 -20.62 3.62 -2.88
CA LEU A 51 -19.37 3.90 -3.60
C LEU A 51 -18.96 5.36 -3.48
N LYS A 52 -19.93 6.26 -3.68
CA LYS A 52 -19.67 7.70 -3.56
C LYS A 52 -19.12 8.04 -2.19
N ASP A 53 -19.75 7.51 -1.15
CA ASP A 53 -19.33 7.79 0.23
C ASP A 53 -17.87 7.39 0.48
N GLU A 54 -17.51 6.21 -0.01
CA GLU A 54 -16.15 5.69 0.11
C GLU A 54 -15.11 6.53 -0.60
N LEU A 55 -15.51 7.09 -1.75
CA LEU A 55 -14.63 7.95 -2.53
C LEU A 55 -14.33 9.26 -1.80
N LEU A 56 -15.39 9.90 -1.29
CA LEU A 56 -15.24 11.14 -0.52
C LEU A 56 -14.38 10.89 0.72
N ALA A 57 -14.62 9.77 1.39
CA ALA A 57 -13.82 9.37 2.57
C ALA A 57 -12.34 9.20 2.21
N GLU A 58 -12.09 8.54 1.07
CA GLU A 58 -10.75 8.30 0.59
C GLU A 58 -10.06 9.63 0.26
N ALA A 59 -10.77 10.50 -0.46
CA ALA A 59 -10.28 11.83 -0.77
C ALA A 59 -9.96 12.64 0.49
N ASN A 60 -10.85 12.58 1.47
CA ASN A 60 -10.61 13.25 2.75
C ASN A 60 -9.29 12.78 3.42
N VAL A 61 -9.00 11.48 3.37
CA VAL A 61 -7.76 10.97 3.93
C VAL A 61 -6.57 11.48 3.12
N MET A 62 -6.65 11.41 1.80
CA MET A 62 -5.49 11.73 0.93
C MET A 62 -5.14 13.20 1.03
N GLN A 63 -6.18 14.03 1.06
CA GLN A 63 -6.06 15.46 1.30
C GLN A 63 -5.14 15.87 2.46
N GLN A 64 -5.08 15.04 3.49
CA GLN A 64 -4.35 15.35 4.70
C GLN A 64 -2.92 14.85 4.68
N LEU A 65 -2.57 14.09 3.65
CA LEU A 65 -1.28 13.43 3.55
C LEU A 65 -0.33 14.16 2.62
N ASP A 66 0.89 14.34 3.10
CA ASP A 66 1.93 15.08 2.40
C ASP A 66 3.26 14.42 2.73
N ASN A 67 3.69 13.53 1.82
CA ASN A 67 4.94 12.76 1.98
C ASN A 67 5.43 12.33 0.59
N PRO A 68 6.75 12.29 0.36
CA PRO A 68 7.19 11.87 -0.99
C PRO A 68 6.79 10.44 -1.43
N TYR A 69 6.47 9.60 -0.46
CA TYR A 69 6.20 8.19 -0.69
C TYR A 69 4.71 7.84 -0.59
N ILE A 70 3.87 8.86 -0.63
CA ILE A 70 2.42 8.66 -0.70
C ILE A 70 1.87 9.35 -1.96
N VAL A 71 1.01 8.66 -2.71
CA VAL A 71 0.40 9.24 -3.90
C VAL A 71 -0.37 10.51 -3.55
N ARG A 72 -0.22 11.54 -4.37
CA ARG A 72 -0.87 12.85 -4.15
C ARG A 72 -2.20 12.90 -4.84
N MET A 73 -3.24 13.30 -4.10
CA MET A 73 -4.52 13.58 -4.69
C MET A 73 -4.48 14.97 -5.32
N ILE A 74 -5.05 15.09 -6.53
CA ILE A 74 -5.25 16.39 -7.14
C ILE A 74 -6.63 16.91 -6.67
N GLY A 75 -7.65 16.05 -6.70
CA GLY A 75 -8.97 16.46 -6.25
C GLY A 75 -10.04 15.51 -6.75
N ILE A 76 -11.30 15.88 -6.55
CA ILE A 76 -12.45 15.09 -6.97
C ILE A 76 -13.24 15.87 -8.02
N CYS A 77 -13.99 15.15 -8.86
CA CYS A 77 -14.79 15.77 -9.93
C CYS A 77 -16.14 15.06 -10.11
N GLU A 78 -17.22 15.83 -10.25
CA GLU A 78 -18.58 15.26 -10.35
C GLU A 78 -19.23 15.59 -11.69
N ALA A 79 -19.07 14.69 -12.66
CA ALA A 79 -19.54 14.89 -14.02
C ALA A 79 -20.36 13.68 -14.43
N GLU A 80 -20.09 13.06 -15.58
CA GLU A 80 -20.82 11.86 -16.00
C GLU A 80 -20.80 10.76 -14.92
N SER A 81 -19.76 10.79 -14.09
CA SER A 81 -19.72 9.98 -12.88
C SER A 81 -18.75 10.62 -11.87
N TRP A 82 -18.67 10.04 -10.68
CA TRP A 82 -17.74 10.53 -9.64
C TRP A 82 -16.32 10.06 -9.94
N MET A 83 -15.37 11.01 -9.82
CA MET A 83 -13.99 10.76 -10.22
C MET A 83 -12.99 11.23 -9.14
N LEU A 84 -12.06 10.37 -8.79
CA LEU A 84 -10.94 10.77 -7.95
C LEU A 84 -9.69 10.86 -8.82
N VAL A 85 -9.07 12.03 -8.80
CA VAL A 85 -8.00 12.38 -9.71
C VAL A 85 -6.71 12.51 -8.92
N MET A 86 -5.74 11.64 -9.26
CA MET A 86 -4.44 11.58 -8.58
C MET A 86 -3.27 11.79 -9.56
N GLU A 87 -2.17 12.35 -9.05
CA GLU A 87 -0.90 12.37 -9.74
C GLU A 87 -0.54 10.96 -10.21
N MET A 88 -0.26 10.79 -11.48
CA MET A 88 -0.01 9.49 -12.07
C MET A 88 1.34 8.96 -11.60
N ALA A 89 1.36 7.68 -11.20
CA ALA A 89 2.59 6.90 -11.00
C ALA A 89 2.65 6.00 -12.22
N GLU A 90 3.54 6.35 -13.15
CA GLU A 90 3.47 5.87 -14.51
C GLU A 90 3.70 4.38 -14.69
N LEU A 91 4.52 3.76 -13.85
CA LEU A 91 4.87 2.34 -14.05
C LEU A 91 3.88 1.41 -13.38
N GLY A 92 3.06 1.92 -12.48
CA GLY A 92 1.96 1.16 -11.95
C GLY A 92 2.32 0.23 -10.81
N PRO A 93 1.44 -0.76 -10.54
CA PRO A 93 1.55 -1.59 -9.35
C PRO A 93 2.84 -2.38 -9.34
N LEU A 94 3.44 -2.45 -8.17
CA LEU A 94 4.72 -3.12 -7.98
C LEU A 94 4.66 -4.63 -8.26
N ASN A 95 3.61 -5.29 -7.80
CA ASN A 95 3.47 -6.72 -8.07
C ASN A 95 3.54 -7.00 -9.58
N LYS A 96 2.79 -6.25 -10.36
CA LYS A 96 2.75 -6.45 -11.80
C LYS A 96 4.09 -6.09 -12.41
N TYR A 97 4.69 -5.01 -11.94
CA TYR A 97 5.97 -4.58 -12.47
C TYR A 97 7.03 -5.65 -12.32
N LEU A 98 7.12 -6.18 -11.11
CA LEU A 98 8.11 -7.21 -10.78
C LEU A 98 7.87 -8.54 -11.52
N GLN A 99 6.62 -8.94 -11.70
CA GLN A 99 6.29 -10.10 -12.54
C GLN A 99 6.88 -9.98 -13.94
N GLN A 100 6.81 -8.78 -14.51
CA GLN A 100 7.26 -8.55 -15.89
C GLN A 100 8.71 -8.15 -15.98
N ASN A 101 9.37 -7.94 -14.84
CA ASN A 101 10.75 -7.45 -14.80
C ASN A 101 11.55 -8.23 -13.76
N ARG A 102 11.79 -9.49 -14.07
CA ARG A 102 12.34 -10.46 -13.11
C ARG A 102 13.84 -10.35 -12.83
N HIS A 103 14.50 -9.43 -13.53
CA HIS A 103 15.94 -9.20 -13.33
C HIS A 103 16.23 -7.90 -12.58
N VAL A 104 15.19 -7.28 -12.04
CA VAL A 104 15.35 -6.21 -11.06
C VAL A 104 16.25 -6.73 -9.93
N LYS A 105 17.25 -5.95 -9.56
CA LYS A 105 18.25 -6.42 -8.62
C LYS A 105 17.80 -6.36 -7.18
N ASP A 106 18.39 -7.21 -6.36
CA ASP A 106 18.05 -7.27 -4.95
C ASP A 106 18.21 -5.90 -4.24
N LYS A 107 19.27 -5.20 -4.56
CA LYS A 107 19.50 -3.86 -4.01
C LYS A 107 18.32 -2.92 -4.31
N ASN A 108 17.80 -3.00 -5.53
CA ASN A 108 16.67 -2.21 -6.01
C ASN A 108 15.35 -2.56 -5.28
N ILE A 109 15.13 -3.83 -5.00
CA ILE A 109 13.93 -4.24 -4.23
C ILE A 109 14.03 -3.67 -2.81
N ILE A 110 15.20 -3.79 -2.20
CA ILE A 110 15.42 -3.25 -0.87
C ILE A 110 15.16 -1.73 -0.80
N GLU A 111 15.69 -1.00 -1.78
CA GLU A 111 15.43 0.42 -1.96
C GLU A 111 13.91 0.70 -1.98
N LEU A 112 13.18 -0.07 -2.77
CA LEU A 112 11.75 0.21 -2.92
C LEU A 112 10.94 -0.10 -1.65
N VAL A 113 11.17 -1.25 -1.02
CA VAL A 113 10.45 -1.57 0.22
C VAL A 113 10.85 -0.62 1.35
N HIS A 114 12.08 -0.10 1.34
CA HIS A 114 12.43 0.91 2.30
C HIS A 114 11.62 2.20 2.09
N GLN A 115 11.46 2.61 0.84
CA GLN A 115 10.67 3.77 0.55
C GLN A 115 9.28 3.57 1.10
N VAL A 116 8.73 2.40 0.95
CA VAL A 116 7.35 2.14 1.43
C VAL A 116 7.36 2.26 2.96
N SER A 117 8.41 1.72 3.57
CA SER A 117 8.58 1.82 5.04
C SER A 117 8.62 3.28 5.51
N MET A 118 9.29 4.16 4.74
CA MET A 118 9.33 5.58 5.09
C MET A 118 7.95 6.21 4.94
N GLY A 119 7.21 5.82 3.89
CA GLY A 119 5.81 6.24 3.75
C GLY A 119 4.96 5.79 4.91
N MET A 120 5.17 4.54 5.36
CA MET A 120 4.36 3.98 6.43
C MET A 120 4.73 4.58 7.80
N LYS A 121 6.02 4.86 8.03
CA LYS A 121 6.44 5.61 9.23
C LYS A 121 5.73 6.96 9.35
N TYR A 122 5.62 7.68 8.24
CA TYR A 122 4.85 8.93 8.18
C TYR A 122 3.39 8.71 8.50
N LEU A 123 2.83 7.63 7.99
CA LEU A 123 1.42 7.34 8.17
C LEU A 123 1.16 6.98 9.63
N GLU A 124 2.10 6.22 10.20
CA GLU A 124 2.08 5.89 11.60
C GLU A 124 2.19 7.14 12.49
N GLU A 125 3.13 8.03 12.15
CA GLU A 125 3.28 9.27 12.91
C GLU A 125 2.00 10.11 12.78
N SER A 126 1.34 10.06 11.63
CA SER A 126 0.12 10.80 11.39
C SER A 126 -1.12 10.17 12.06
N ASN A 127 -0.93 8.99 12.67
CA ASN A 127 -2.03 8.20 13.27
C ASN A 127 -3.15 7.91 12.27
N PHE A 128 -2.75 7.45 11.08
CA PHE A 128 -3.67 6.86 10.11
C PHE A 128 -3.36 5.38 10.02
N VAL A 129 -4.38 4.54 9.83
CA VAL A 129 -4.19 3.13 9.52
C VAL A 129 -4.56 2.92 8.06
N HIS A 130 -3.70 2.23 7.33
CA HIS A 130 -3.90 2.05 5.88
C HIS A 130 -4.94 0.98 5.57
N ARG A 131 -4.71 -0.21 6.12
CA ARG A 131 -5.65 -1.36 6.05
C ARG A 131 -5.73 -2.07 4.68
N ASP A 132 -4.85 -1.74 3.75
CA ASP A 132 -4.82 -2.48 2.48
C ASP A 132 -3.44 -2.39 1.86
N LEU A 133 -2.45 -2.53 2.71
CA LEU A 133 -1.05 -2.38 2.32
C LEU A 133 -0.61 -3.69 1.73
N ALA A 134 -0.55 -3.72 0.41
CA ALA A 134 -0.14 -4.88 -0.33
C ALA A 134 0.66 -4.39 -1.53
N ALA A 135 1.46 -5.26 -2.11
CA ALA A 135 2.27 -4.90 -3.27
C ALA A 135 1.45 -4.33 -4.41
N ARG A 136 0.21 -4.78 -4.62
CA ARG A 136 -0.65 -4.25 -5.66
C ARG A 136 -1.04 -2.76 -5.47
N ASN A 137 -0.90 -2.25 -4.26
CA ASN A 137 -1.23 -0.87 -3.88
C ASN A 137 0.00 0.00 -3.69
N VAL A 138 1.17 -0.54 -3.97
CA VAL A 138 2.42 0.24 -4.12
C VAL A 138 2.60 0.47 -5.64
N LEU A 139 2.72 1.74 -6.00
CA LEU A 139 2.77 2.19 -7.38
C LEU A 139 4.17 2.76 -7.62
N LEU A 140 4.74 2.48 -8.79
CA LEU A 140 6.08 2.95 -9.12
C LEU A 140 6.04 4.21 -9.95
N VAL A 141 6.79 5.23 -9.53
CA VAL A 141 6.99 6.44 -10.32
C VAL A 141 8.11 6.18 -11.33
N THR A 142 9.20 5.60 -10.84
CA THR A 142 10.27 5.04 -11.66
C THR A 142 10.66 3.69 -11.09
N GLN A 143 11.66 3.04 -11.69
CA GLN A 143 12.16 1.76 -11.19
C GLN A 143 12.78 1.93 -9.79
N HIS A 144 13.14 3.14 -9.41
CA HIS A 144 13.76 3.45 -8.10
C HIS A 144 12.96 4.40 -7.24
N TYR A 145 11.63 4.43 -7.42
CA TYR A 145 10.77 5.34 -6.69
C TYR A 145 9.33 4.84 -6.54
N ALA A 146 9.02 4.35 -5.34
CA ALA A 146 7.71 3.77 -4.98
C ALA A 146 6.85 4.75 -4.16
N LYS A 147 5.53 4.71 -4.37
CA LYS A 147 4.60 5.44 -3.55
C LYS A 147 3.48 4.50 -3.12
N ILE A 148 2.90 4.83 -1.98
CA ILE A 148 1.78 4.10 -1.41
C ILE A 148 0.50 4.71 -1.92
N SER A 149 -0.42 3.85 -2.35
CA SER A 149 -1.73 4.29 -2.78
C SER A 149 -2.85 3.48 -2.11
N ASP A 150 -4.08 3.77 -2.54
CA ASP A 150 -5.30 3.04 -2.17
C ASP A 150 -5.68 3.17 -0.73
N PHE A 151 -6.30 4.32 -0.44
CA PHE A 151 -6.65 4.71 0.91
C PHE A 151 -8.13 4.49 1.17
N GLY A 152 -8.75 3.63 0.37
CA GLY A 152 -10.18 3.33 0.45
C GLY A 152 -10.65 2.64 1.73
N LEU A 153 -9.77 1.88 2.38
CA LEU A 153 -10.09 1.31 3.69
C LEU A 153 -9.41 2.07 4.86
N SER A 154 -8.70 3.15 4.55
CA SER A 154 -7.90 3.83 5.56
C SER A 154 -8.76 4.59 6.54
N LYS A 155 -8.26 4.70 7.77
CA LYS A 155 -8.95 5.39 8.85
C LYS A 155 -8.01 6.25 9.63
N ALA A 156 -8.49 7.43 10.01
CA ALA A 156 -7.78 8.28 10.96
C ALA A 156 -8.14 7.78 12.36
N LEU A 157 -7.13 7.44 13.15
CA LEU A 157 -7.39 7.00 14.54
C LEU A 157 -7.98 8.10 15.43
N ARG A 158 -8.95 7.70 16.25
CA ARG A 158 -9.47 8.58 17.26
C ARG A 158 -8.36 9.01 18.20
N ALA A 159 -8.48 10.23 18.73
CA ALA A 159 -7.44 10.78 19.59
C ALA A 159 -7.18 9.96 20.88
N ASP A 160 -8.19 9.21 21.35
CA ASP A 160 -8.08 8.39 22.57
C ASP A 160 -7.81 6.87 22.36
N GLU A 161 -7.70 6.43 21.12
CA GLU A 161 -7.53 5.00 20.75
C GLU A 161 -6.29 4.78 19.89
N ASN A 162 -5.55 3.69 20.12
CA ASN A 162 -4.48 3.29 19.19
C ASN A 162 -4.91 2.32 18.09
N TYR A 163 -6.20 1.98 18.06
CA TYR A 163 -6.72 1.13 17.01
C TYR A 163 -8.08 1.61 16.48
N TYR A 164 -8.42 1.12 15.29
CA TYR A 164 -9.73 1.22 14.70
C TYR A 164 -10.46 -0.11 14.82
N LYS A 165 -11.67 -0.04 15.33
CA LYS A 165 -12.52 -1.23 15.51
C LYS A 165 -13.53 -1.29 14.37
N ALA A 166 -13.36 -2.27 13.49
CA ALA A 166 -14.32 -2.51 12.42
C ALA A 166 -15.55 -3.14 13.04
N GLN A 167 -16.69 -2.99 12.38
CA GLN A 167 -17.93 -3.58 12.90
C GLN A 167 -18.37 -4.70 11.97
N THR A 168 -18.65 -4.32 10.72
CA THR A 168 -19.00 -5.28 9.69
C THR A 168 -17.74 -5.74 8.96
N HIS A 169 -17.37 -7.01 9.20
CA HIS A 169 -16.33 -7.66 8.41
C HIS A 169 -16.71 -7.49 6.94
N GLY A 170 -16.06 -6.54 6.28
CA GLY A 170 -16.33 -6.23 4.88
C GLY A 170 -15.61 -7.23 3.98
N LYS A 171 -15.42 -6.84 2.72
CA LYS A 171 -14.61 -7.65 1.81
C LYS A 171 -13.15 -7.33 2.12
N TRP A 172 -12.47 -8.29 2.77
CA TRP A 172 -11.16 -8.03 3.39
C TRP A 172 -10.02 -8.86 2.76
N PRO A 173 -8.84 -8.23 2.59
CA PRO A 173 -7.63 -8.90 2.08
C PRO A 173 -6.95 -9.69 3.22
N VAL A 174 -7.60 -10.78 3.59
CA VAL A 174 -7.27 -11.61 4.77
C VAL A 174 -5.80 -12.06 4.82
N LYS A 175 -5.24 -12.39 3.67
CA LYS A 175 -3.87 -12.88 3.58
C LYS A 175 -2.87 -11.78 3.93
N TRP A 176 -3.30 -10.52 3.98
CA TRP A 176 -2.43 -9.45 4.41
C TRP A 176 -2.70 -9.00 5.86
N TYR A 177 -3.73 -9.55 6.50
CA TYR A 177 -4.16 -9.08 7.84
C TYR A 177 -3.58 -9.84 9.02
N ALA A 178 -3.17 -9.10 10.05
CA ALA A 178 -2.67 -9.61 11.29
C ALA A 178 -3.73 -10.44 12.01
N PRO A 179 -3.31 -11.35 12.93
CA PRO A 179 -4.24 -12.11 13.76
C PRO A 179 -5.28 -11.27 14.52
N GLU A 180 -4.88 -10.15 15.11
CA GLU A 180 -5.80 -9.28 15.83
C GLU A 180 -6.89 -8.66 14.94
N CYS A 181 -6.60 -8.49 13.65
CA CYS A 181 -7.60 -8.01 12.67
C CYS A 181 -8.67 -9.04 12.41
N ILE A 182 -8.24 -10.28 12.19
CA ILE A 182 -9.14 -11.39 11.90
C ILE A 182 -9.91 -11.81 13.16
N ASN A 183 -9.22 -11.83 14.29
CA ASN A 183 -9.81 -12.35 15.53
C ASN A 183 -10.61 -11.34 16.32
N TYR A 184 -10.16 -10.09 16.34
CA TYR A 184 -10.78 -9.04 17.18
C TYR A 184 -11.27 -7.82 16.39
N TYR A 185 -11.04 -7.80 15.07
CA TYR A 185 -11.44 -6.68 14.19
C TYR A 185 -10.76 -5.35 14.58
N LYS A 186 -9.56 -5.46 15.13
CA LYS A 186 -8.81 -4.33 15.60
C LYS A 186 -7.65 -4.03 14.67
N PHE A 187 -7.61 -2.80 14.18
CA PHE A 187 -6.64 -2.34 13.21
C PHE A 187 -5.81 -1.18 13.76
N SER A 188 -4.50 -1.39 13.85
CA SER A 188 -3.57 -0.39 14.36
C SER A 188 -2.42 -0.24 13.37
N SER A 189 -1.53 0.71 13.60
CA SER A 189 -0.37 0.80 12.76
C SER A 189 0.44 -0.50 12.82
N LYS A 190 0.46 -1.20 13.97
CA LYS A 190 1.17 -2.48 14.06
C LYS A 190 0.55 -3.59 13.18
N SER A 191 -0.76 -3.56 12.99
CA SER A 191 -1.42 -4.40 11.99
C SER A 191 -0.90 -4.14 10.56
N ASP A 192 -0.74 -2.85 10.25
CA ASP A 192 -0.13 -2.44 9.01
C ASP A 192 1.30 -2.99 8.89
N VAL A 193 2.05 -3.02 9.98
CA VAL A 193 3.40 -3.65 9.96
C VAL A 193 3.33 -5.12 9.50
N TRP A 194 2.34 -5.86 10.01
CA TRP A 194 2.12 -7.22 9.58
C TRP A 194 1.94 -7.29 8.07
N SER A 195 1.09 -6.42 7.55
CA SER A 195 0.80 -6.36 6.13
C SER A 195 2.05 -6.01 5.35
N PHE A 196 2.86 -5.12 5.92
CA PHE A 196 4.13 -4.75 5.33
C PHE A 196 5.12 -5.95 5.20
N GLY A 197 5.13 -6.88 6.18
CA GLY A 197 5.90 -8.10 6.08
C GLY A 197 5.49 -8.96 4.90
N VAL A 198 4.18 -9.05 4.69
CA VAL A 198 3.60 -9.74 3.52
C VAL A 198 3.97 -9.03 2.22
N LEU A 199 3.88 -7.71 2.21
CA LEU A 199 4.30 -6.93 1.09
C LEU A 199 5.81 -7.14 0.79
N MET A 200 6.63 -7.25 1.82
CA MET A 200 8.04 -7.57 1.59
C MET A 200 8.20 -8.92 0.93
N TRP A 201 7.47 -9.90 1.42
CA TRP A 201 7.56 -11.22 0.87
C TRP A 201 7.18 -11.18 -0.62
N GLU A 202 6.10 -10.48 -0.96
CA GLU A 202 5.65 -10.34 -2.36
C GLU A 202 6.72 -9.69 -3.25
N ALA A 203 7.36 -8.65 -2.75
CA ALA A 203 8.39 -7.91 -3.48
C ALA A 203 9.61 -8.78 -3.78
N PHE A 204 10.11 -9.47 -2.77
CA PHE A 204 11.27 -10.38 -2.93
C PHE A 204 10.92 -11.65 -3.69
N SER A 205 9.62 -11.95 -3.80
CA SER A 205 9.09 -13.04 -4.61
C SER A 205 8.69 -12.60 -6.02
N TYR A 206 9.08 -11.38 -6.37
CA TYR A 206 8.79 -10.76 -7.66
C TYR A 206 7.30 -10.77 -8.05
N GLY A 207 6.47 -10.40 -7.08
CA GLY A 207 5.02 -10.22 -7.33
C GLY A 207 4.24 -11.50 -7.30
N GLN A 208 4.83 -12.54 -6.72
CA GLN A 208 4.08 -13.77 -6.46
C GLN A 208 3.07 -13.49 -5.38
N LYS A 209 1.93 -14.17 -5.46
CA LYS A 209 0.88 -14.05 -4.46
C LYS A 209 1.32 -14.83 -3.24
N PRO A 210 1.00 -14.29 -2.07
CA PRO A 210 1.24 -14.93 -0.78
C PRO A 210 0.30 -16.09 -0.50
N TYR A 211 0.77 -17.07 0.27
CA TYR A 211 -0.01 -18.25 0.68
C TYR A 211 -0.72 -18.85 -0.52
N ARG A 212 0.02 -19.04 -1.59
CA ARG A 212 -0.59 -19.60 -2.80
C ARG A 212 -1.25 -20.94 -2.57
N GLY A 213 -2.42 -21.10 -3.21
CA GLY A 213 -3.23 -22.29 -3.08
C GLY A 213 -4.08 -22.41 -1.84
N MET A 214 -3.93 -21.50 -0.88
CA MET A 214 -4.54 -21.66 0.44
C MET A 214 -5.77 -20.78 0.61
N LYS A 215 -6.78 -21.32 1.29
CA LYS A 215 -7.92 -20.50 1.71
C LYS A 215 -7.54 -19.68 2.93
N GLY A 216 -8.17 -18.49 3.05
CA GLY A 216 -7.95 -17.56 4.18
C GLY A 216 -7.98 -18.28 5.50
N SER A 217 -8.93 -19.21 5.61
CA SER A 217 -9.09 -20.12 6.74
C SER A 217 -7.86 -20.99 7.04
N GLU A 218 -7.27 -21.57 6.00
CA GLU A 218 -6.03 -22.32 6.17
C GLU A 218 -4.85 -21.40 6.50
N VAL A 219 -4.89 -20.16 6.06
CA VAL A 219 -3.84 -19.21 6.41
C VAL A 219 -3.88 -19.03 7.94
N THR A 220 -5.09 -18.75 8.44
CA THR A 220 -5.29 -18.53 9.87
C THR A 220 -4.79 -19.70 10.68
N ALA A 221 -5.20 -20.90 10.28
CA ALA A 221 -4.72 -22.11 10.93
C ALA A 221 -3.19 -22.19 10.93
N MET A 222 -2.57 -21.97 9.77
CA MET A 222 -1.12 -22.00 9.59
C MET A 222 -0.41 -21.03 10.53
N LEU A 223 -0.90 -19.80 10.57
CA LEU A 223 -0.27 -18.75 11.38
C LEU A 223 -0.43 -19.04 12.85
N GLU A 224 -1.54 -19.65 13.19
CA GLU A 224 -1.86 -19.99 14.55
C GLU A 224 -0.98 -21.16 15.02
N LYS A 225 -0.62 -22.06 14.10
CA LYS A 225 0.40 -23.09 14.38
C LYS A 225 1.79 -22.53 14.66
N GLY A 226 2.05 -21.30 14.24
CA GLY A 226 3.40 -20.70 14.37
C GLY A 226 4.16 -20.70 13.05
N GLU A 227 3.59 -21.35 12.03
CA GLU A 227 4.22 -21.37 10.73
C GLU A 227 4.16 -19.99 10.02
N ARG A 228 5.24 -19.65 9.32
CA ARG A 228 5.35 -18.45 8.49
C ARG A 228 5.86 -18.82 7.11
N MET A 229 5.58 -17.96 6.15
CA MET A 229 6.03 -18.20 4.78
C MET A 229 7.55 -18.31 4.73
N GLY A 230 8.05 -19.14 3.82
CA GLY A 230 9.50 -19.33 3.62
C GLY A 230 10.19 -18.16 2.97
N CYS A 231 11.52 -18.21 2.93
CA CYS A 231 12.35 -17.15 2.41
C CYS A 231 12.31 -17.19 0.90
N PRO A 232 11.89 -16.09 0.23
CA PRO A 232 11.97 -16.10 -1.24
C PRO A 232 13.40 -16.37 -1.77
N ALA A 233 13.50 -17.04 -2.91
CA ALA A 233 14.82 -17.31 -3.56
C ALA A 233 15.59 -16.02 -3.72
N GLY A 234 16.85 -16.04 -3.29
CA GLY A 234 17.73 -14.87 -3.42
C GLY A 234 17.44 -13.73 -2.43
N CYS A 235 16.43 -13.90 -1.58
CA CYS A 235 16.15 -12.91 -0.55
C CYS A 235 17.19 -13.01 0.56
N PRO A 236 17.85 -11.88 0.91
CA PRO A 236 18.94 -11.96 1.88
C PRO A 236 18.46 -12.24 3.30
N ARG A 237 19.23 -13.06 4.02
CA ARG A 237 18.97 -13.38 5.43
C ARG A 237 18.34 -12.23 6.21
N GLU A 238 19.01 -11.08 6.19
CA GLU A 238 18.66 -9.91 6.99
C GLU A 238 17.27 -9.41 6.66
N MET A 239 16.89 -9.56 5.40
CA MET A 239 15.53 -9.17 5.01
C MET A 239 14.47 -10.20 5.41
N TYR A 240 14.81 -11.48 5.37
CA TYR A 240 13.81 -12.47 5.80
C TYR A 240 13.58 -12.42 7.31
N ASP A 241 14.63 -12.10 8.06
CA ASP A 241 14.49 -11.94 9.51
C ASP A 241 13.52 -10.79 9.79
N LEU A 242 13.60 -9.73 8.98
CA LEU A 242 12.76 -8.56 9.20
C LEU A 242 11.28 -8.86 8.90
N MET A 243 11.00 -9.60 7.83
CA MET A 243 9.64 -10.14 7.55
C MET A 243 9.08 -10.89 8.73
N ASN A 244 9.91 -11.73 9.32
CA ASN A 244 9.47 -12.58 10.41
C ASN A 244 9.18 -11.77 11.67
N LEU A 245 9.97 -10.73 11.87
CA LEU A 245 9.73 -9.79 12.93
C LEU A 245 8.43 -9.02 12.68
N CYS A 246 8.11 -8.72 11.42
CA CYS A 246 6.85 -8.07 11.10
C CYS A 246 5.67 -8.95 11.42
N TRP A 247 5.87 -10.25 11.27
CA TRP A 247 4.84 -11.27 11.54
C TRP A 247 4.90 -11.80 13.00
N THR A 248 5.22 -10.94 13.95
CA THR A 248 5.14 -11.33 15.36
C THR A 248 3.66 -11.45 15.69
N TYR A 249 3.24 -12.57 16.27
CA TYR A 249 1.82 -12.85 16.49
C TYR A 249 1.21 -11.87 17.49
N ASP A 250 1.99 -11.55 18.53
CA ASP A 250 1.58 -10.61 19.60
C ASP A 250 1.87 -9.17 19.23
N VAL A 251 0.81 -8.39 19.10
CA VAL A 251 0.90 -6.99 18.69
C VAL A 251 1.83 -6.17 19.56
N GLU A 252 1.89 -6.49 20.85
CA GLU A 252 2.69 -5.74 21.81
C GLU A 252 4.17 -5.87 21.52
N ASN A 253 4.56 -7.06 21.09
CA ASN A 253 5.95 -7.37 20.80
C ASN A 253 6.35 -7.18 19.33
N ARG A 254 5.35 -6.91 18.48
CA ARG A 254 5.57 -6.56 17.09
C ARG A 254 6.11 -5.13 17.02
N PRO A 255 7.18 -4.89 16.24
CA PRO A 255 7.71 -3.54 16.10
C PRO A 255 6.80 -2.58 15.37
N GLY A 256 6.96 -1.28 15.62
CA GLY A 256 6.32 -0.25 14.81
C GLY A 256 7.17 0.09 13.59
N PHE A 257 6.67 1.01 12.78
CA PHE A 257 7.36 1.44 11.59
C PHE A 257 8.63 2.25 11.77
N ALA A 258 8.78 2.90 12.93
CA ALA A 258 10.02 3.58 13.25
C ALA A 258 11.15 2.56 13.31
N ALA A 259 10.92 1.50 14.08
CA ALA A 259 11.83 0.37 14.20
C ALA A 259 12.11 -0.30 12.86
N VAL A 260 11.04 -0.65 12.13
CA VAL A 260 11.21 -1.33 10.85
C VAL A 260 11.96 -0.49 9.81
N GLU A 261 11.55 0.77 9.63
CA GLU A 261 12.25 1.70 8.72
C GLU A 261 13.76 1.81 9.02
N LEU A 262 14.12 1.93 10.30
CA LEU A 262 15.54 2.08 10.65
C LEU A 262 16.32 0.84 10.24
N ARG A 263 15.83 -0.33 10.61
CA ARG A 263 16.44 -1.62 10.17
C ARG A 263 16.59 -1.76 8.66
N LEU A 264 15.58 -1.34 7.93
CA LEU A 264 15.65 -1.33 6.49
C LEU A 264 16.71 -0.31 6.03
N ARG A 265 16.65 0.91 6.58
CA ARG A 265 17.61 1.97 6.26
C ARG A 265 19.05 1.50 6.39
N ASN A 266 19.40 1.02 7.57
CA ASN A 266 20.74 0.59 7.88
C ASN A 266 21.18 -0.51 6.92
N TYR A 267 20.31 -1.47 6.64
CA TYR A 267 20.69 -2.58 5.75
C TYR A 267 21.00 -2.09 4.34
N TYR A 268 20.11 -1.23 3.84
CA TYR A 268 20.21 -0.64 2.51
C TYR A 268 21.53 0.10 2.34
N TYR A 269 21.99 0.76 3.40
CA TYR A 269 23.27 1.45 3.34
C TYR A 269 24.43 0.46 3.31
N ASP A 270 24.31 -0.66 4.01
CA ASP A 270 25.31 -1.75 3.91
C ASP A 270 25.41 -2.28 2.47
N VAL A 271 24.26 -2.57 1.88
CA VAL A 271 24.20 -3.08 0.51
C VAL A 271 24.76 -2.03 -0.43
N VAL A 272 24.46 -0.76 -0.18
CA VAL A 272 25.07 0.33 -0.95
C VAL A 272 26.60 0.36 -0.79
N ASN A 273 27.08 0.31 0.45
CA ASN A 273 28.53 0.27 0.78
C ASN A 273 29.28 -0.94 0.17
N GLU A 274 28.56 -2.02 -0.07
CA GLU A 274 29.09 -3.13 -0.85
C GLU A 274 29.04 -2.71 -2.32
N GLY A 275 30.20 -2.62 -2.95
CA GLY A 275 30.32 -2.01 -4.28
C GLY A 275 31.37 -0.92 -4.25
O18 CG4 B . -2.40 -7.60 -9.97
C16 CG4 B . -3.00 -7.00 -10.85
O17 CG4 B . -3.31 -7.64 -12.02
C7 CG4 B . -3.44 -5.60 -10.64
C5 CG4 B . -2.91 -4.87 -9.58
C3 CG4 B . -3.32 -3.57 -9.36
C6 CG4 B . -4.39 -5.01 -11.50
C4 CG4 B . -4.79 -3.70 -11.28
C2 CG4 B . -4.25 -2.97 -10.19
N1 CG4 B . -4.60 -1.65 -9.88
C8 CG4 B . -5.80 -1.01 -10.24
O9 CG4 B . -6.70 -1.52 -10.90
C15 CG4 B . -5.98 0.37 -9.83
C13 CG4 B . -7.18 0.73 -9.26
C11 CG4 B . -7.38 2.03 -8.87
C14 CG4 B . -4.98 1.29 -10.03
C12 CG4 B . -5.19 2.60 -9.65
C10 CG4 B . -6.39 2.96 -9.07
C24 CG4 B . -4.09 3.59 -9.86
C22 CG4 B . -3.96 4.70 -9.07
N23 CG4 B . -3.19 3.36 -10.89
C21 CG4 B . -2.15 4.20 -11.17
C19 CG4 B . -2.07 5.30 -10.34
N27 CG4 B . -1.14 6.29 -10.34
C26 CG4 B . -1.49 7.11 -9.35
C25 CG4 B . -2.61 6.63 -8.74
N20 CG4 B . -2.96 5.52 -9.35
N28 CG4 B . -1.18 3.98 -12.21
C33 CG4 B . -0.93 2.99 -13.16
C31 CG4 B . -1.80 1.89 -13.22
C29 CG4 B . -1.64 0.85 -14.09
O36 CG4 B . -2.51 -0.22 -14.16
C37 CG4 B . -3.54 -0.64 -13.26
C34 CG4 B . 0.15 3.03 -14.05
C32 CG4 B . 0.31 1.99 -14.97
C30 CG4 B . -0.58 0.91 -14.98
O35 CG4 B . -0.39 -0.11 -15.85
C38 CG4 B . -1.42 -0.55 -16.76
CL CL C . -14.64 -1.59 7.74
CL CL D . -12.86 13.94 -22.22
CL CL E . -6.91 -12.40 0.66
CL CL F . 17.65 7.16 2.14
CL CL G . -2.37 24.01 -21.19
#